data_7ZWV
#
_entry.id   7ZWV
#
_cell.length_a   67.231
_cell.length_b   67.231
_cell.length_c   165.202
_cell.angle_alpha   90.000
_cell.angle_beta   90.000
_cell.angle_gamma   120.000
#
_symmetry.space_group_name_H-M   'P 61 2 2'
#
loop_
_entity.id
_entity.type
_entity.pdbx_description
1 polymer 'B-cell lymphoma 6 protein'
2 polymer ALA-TRP-VAL-ILE-PRO-ALA
3 non-polymer 1,3-dimethyl-5-[[6-(phenylmethylsulfanyl)pyrimidin-4-yl]amino]benzimidazol-2-one
4 non-polymer 1,2-ETHANEDIOL
5 non-polymer GLYCEROL
6 non-polymer 'DIMETHYL SULFOXIDE'
7 water water
#
loop_
_entity_poly.entity_id
_entity_poly.type
_entity_poly.pdbx_seq_one_letter_code
_entity_poly.pdbx_strand_id
1 'polypeptide(L)'
;GPGADSCIQFTRHASDVLLNLNRLRSRDILTDVVIVVSREQFRAHKTVLMACSGLFYSIFTDQLKCNLSVINLDPEINPE
GFCILLDFMYTSRLNLREGNIMAVMATAMYLQMEHVVDTCRKFIKASE
;
A
2 'polypeptide(L)' AWVIPA B
#
# COMPACT_ATOMS: atom_id res chain seq x y z
C ASP A 5 3.28 27.24 16.11
N SER A 6 4.46 27.64 16.62
CA SER A 6 5.39 28.52 15.89
C SER A 6 6.23 27.80 14.81
N CYS A 7 5.89 26.54 14.49
CA CYS A 7 6.61 25.71 13.51
CA CYS A 7 6.64 25.75 13.51
C CYS A 7 6.56 26.30 12.07
N ILE A 8 7.57 25.97 11.24
CA ILE A 8 7.58 26.23 9.79
C ILE A 8 7.43 24.81 9.21
N GLN A 9 7.01 24.68 7.96
CA GLN A 9 6.76 23.37 7.34
C GLN A 9 7.42 23.25 5.99
N PHE A 10 8.05 22.09 5.73
CA PHE A 10 8.65 21.86 4.42
C PHE A 10 7.58 21.11 3.60
N THR A 11 7.00 21.80 2.64
N THR A 11 7.00 21.79 2.61
CA THR A 11 5.91 21.27 1.83
CA THR A 11 5.90 21.28 1.77
C THR A 11 6.20 19.86 1.25
C THR A 11 6.14 19.93 1.07
N ARG A 12 7.36 19.69 0.62
CA ARG A 12 7.70 18.43 -0.04
C ARG A 12 8.18 17.31 0.87
N HIS A 13 8.27 17.53 2.16
CA HIS A 13 8.82 16.51 3.02
C HIS A 13 8.10 15.17 3.03
N ALA A 14 6.78 15.17 3.15
CA ALA A 14 6.07 13.88 3.19
C ALA A 14 6.28 13.09 1.88
N SER A 15 6.20 13.76 0.72
N SER A 15 6.22 13.79 0.73
N SER A 15 6.21 13.78 0.73
CA SER A 15 6.40 13.06 -0.56
CA SER A 15 6.41 13.18 -0.59
CA SER A 15 6.41 13.12 -0.56
C SER A 15 7.85 12.59 -0.71
C SER A 15 7.84 12.66 -0.75
C SER A 15 7.85 12.60 -0.70
N ASP A 16 8.83 13.37 -0.18
CA ASP A 16 10.25 12.97 -0.23
C ASP A 16 10.47 11.73 0.63
N VAL A 17 9.81 11.67 1.80
CA VAL A 17 9.93 10.50 2.68
C VAL A 17 9.38 9.28 1.97
N LEU A 18 8.21 9.42 1.36
CA LEU A 18 7.58 8.29 0.71
C LEU A 18 8.43 7.79 -0.45
N LEU A 19 9.01 8.74 -1.22
CA LEU A 19 9.89 8.37 -2.33
C LEU A 19 11.10 7.59 -1.80
N ASN A 20 11.66 8.03 -0.66
CA ASN A 20 12.83 7.34 -0.10
C ASN A 20 12.43 5.97 0.45
N LEU A 21 11.21 5.85 1.03
CA LEU A 21 10.75 4.51 1.48
C LEU A 21 10.59 3.57 0.28
N ASN A 22 10.07 4.10 -0.85
CA ASN A 22 9.96 3.27 -2.05
C ASN A 22 11.34 2.85 -2.60
N ARG A 23 12.34 3.75 -2.48
CA ARG A 23 13.71 3.42 -2.89
C ARG A 23 14.25 2.30 -1.99
N LEU A 24 13.97 2.35 -0.66
CA LEU A 24 14.39 1.26 0.22
C LEU A 24 13.72 -0.03 -0.23
N ARG A 25 12.41 0.04 -0.54
CA ARG A 25 11.73 -1.19 -0.98
C ARG A 25 12.36 -1.75 -2.27
N SER A 26 12.64 -0.88 -3.26
N SER A 26 12.64 -0.88 -3.25
N SER A 26 12.66 -0.88 -3.26
CA SER A 26 13.25 -1.33 -4.53
CA SER A 26 13.24 -1.30 -4.53
CA SER A 26 13.27 -1.27 -4.54
C SER A 26 14.59 -2.03 -4.32
C SER A 26 14.59 -2.01 -4.33
C SER A 26 14.65 -1.92 -4.39
N ARG A 27 15.36 -1.55 -3.34
CA ARG A 27 16.67 -2.10 -3.05
C ARG A 27 16.65 -3.18 -1.97
N ASP A 28 15.46 -3.53 -1.52
CA ASP A 28 15.24 -4.52 -0.48
C ASP A 28 15.95 -4.17 0.82
N ILE A 29 15.93 -2.88 1.18
CA ILE A 29 16.60 -2.43 2.39
C ILE A 29 15.62 -2.38 3.54
N LEU A 30 15.93 -3.15 4.60
N LEU A 30 15.92 -3.12 4.62
CA LEU A 30 15.19 -3.28 5.85
CA LEU A 30 15.14 -3.15 5.86
C LEU A 30 13.73 -3.70 5.67
C LEU A 30 13.70 -3.68 5.68
N THR A 31 13.42 -4.38 4.57
CA THR A 31 12.09 -4.99 4.35
C THR A 31 12.00 -6.09 5.42
N ASP A 32 10.83 -6.19 6.06
CA ASP A 32 10.69 -7.08 7.22
C ASP A 32 9.50 -8.01 7.14
N VAL A 33 8.84 -8.08 5.97
CA VAL A 33 7.71 -9.00 5.83
C VAL A 33 7.61 -9.39 4.38
N VAL A 34 7.11 -10.60 4.13
CA VAL A 34 6.80 -11.06 2.77
C VAL A 34 5.29 -11.29 2.80
N ILE A 35 4.57 -10.66 1.87
CA ILE A 35 3.13 -10.87 1.72
C ILE A 35 2.97 -11.86 0.59
N VAL A 36 2.26 -12.98 0.86
CA VAL A 36 2.09 -14.02 -0.14
C VAL A 36 0.65 -13.96 -0.64
N VAL A 37 0.48 -13.88 -1.98
CA VAL A 37 -0.83 -13.75 -2.62
C VAL A 37 -0.85 -14.81 -3.71
N SER A 38 -1.33 -16.01 -3.31
N SER A 38 -1.72 -15.84 -3.58
CA SER A 38 -1.32 -17.25 -4.09
CA SER A 38 -1.82 -16.89 -4.60
C SER A 38 0.13 -17.66 -4.40
C SER A 38 -0.41 -17.35 -5.07
N ARG A 39 0.55 -17.64 -5.68
N ARG A 39 0.50 -17.57 -4.09
CA ARG A 39 1.91 -18.04 -6.07
CA ARG A 39 1.90 -18.02 -4.25
C ARG A 39 2.92 -16.89 -6.03
C ARG A 39 2.87 -16.89 -4.72
N GLU A 40 2.46 -15.67 -5.77
N GLU A 40 2.36 -15.70 -5.15
CA GLU A 40 3.37 -14.52 -5.75
CA GLU A 40 3.19 -14.56 -5.56
C GLU A 40 3.78 -14.08 -4.35
C GLU A 40 3.69 -13.88 -4.29
N GLN A 41 4.98 -13.48 -4.23
CA GLN A 41 5.53 -12.96 -2.97
C GLN A 41 5.90 -11.51 -3.15
N PHE A 42 5.59 -10.69 -2.14
CA PHE A 42 5.90 -9.27 -2.20
C PHE A 42 6.62 -8.87 -0.94
N ARG A 43 7.82 -8.28 -1.05
CA ARG A 43 8.56 -7.85 0.14
C ARG A 43 8.16 -6.42 0.44
N ALA A 44 8.01 -6.11 1.74
CA ALA A 44 7.58 -4.76 2.10
C ALA A 44 8.02 -4.43 3.52
N HIS A 45 7.68 -3.19 3.96
CA HIS A 45 7.97 -2.75 5.33
C HIS A 45 6.62 -2.78 6.08
N LYS A 46 6.57 -3.46 7.22
CA LYS A 46 5.32 -3.56 7.98
C LYS A 46 4.77 -2.17 8.30
N THR A 47 5.63 -1.20 8.68
CA THR A 47 5.08 0.11 9.04
C THR A 47 4.39 0.80 7.91
N VAL A 48 4.90 0.66 6.67
CA VAL A 48 4.23 1.32 5.53
C VAL A 48 2.88 0.62 5.27
N LEU A 49 2.87 -0.72 5.32
CA LEU A 49 1.61 -1.46 5.12
C LEU A 49 0.56 -1.03 6.16
N MET A 50 0.96 -0.94 7.45
CA MET A 50 0.05 -0.52 8.53
C MET A 50 -0.47 0.87 8.30
N ALA A 51 0.40 1.80 7.84
CA ALA A 51 0.02 3.20 7.63
C ALA A 51 -0.99 3.36 6.51
N CYS A 52 -1.08 2.36 5.62
CA CYS A 52 -1.93 2.46 4.41
C CYS A 52 -3.16 1.60 4.41
N SER A 53 -3.27 0.65 5.34
CA SER A 53 -4.33 -0.35 5.25
C SER A 53 -4.86 -0.70 6.61
N GLY A 54 -6.18 -0.67 6.76
CA GLY A 54 -6.83 -1.06 8.01
C GLY A 54 -6.57 -2.52 8.34
N LEU A 55 -6.51 -3.39 7.29
CA LEU A 55 -6.23 -4.82 7.54
C LEU A 55 -4.82 -5.00 8.09
N PHE A 56 -3.82 -4.39 7.43
CA PHE A 56 -2.44 -4.54 7.96
C PHE A 56 -2.26 -3.88 9.31
N TYR A 57 -3.02 -2.78 9.57
CA TYR A 57 -2.93 -2.15 10.88
C TYR A 57 -3.40 -3.17 11.95
N SER A 58 -4.53 -3.86 11.67
CA SER A 58 -5.05 -4.85 12.60
C SER A 58 -4.09 -6.02 12.77
N ILE A 59 -3.49 -6.49 11.66
CA ILE A 59 -2.56 -7.62 11.71
C ILE A 59 -1.31 -7.29 12.51
N PHE A 60 -0.66 -6.16 12.20
CA PHE A 60 0.62 -5.92 12.85
C PHE A 60 0.53 -5.28 14.24
N THR A 61 -0.68 -4.95 14.71
CA THR A 61 -0.86 -4.49 16.09
C THR A 61 -1.28 -5.70 16.96
N ASP A 62 -1.50 -6.89 16.33
CA ASP A 62 -1.84 -8.08 17.09
C ASP A 62 -0.55 -8.60 17.76
N GLN A 63 -0.61 -8.95 19.06
CA GLN A 63 0.56 -9.38 19.83
C GLN A 63 1.24 -10.65 19.30
N LEU A 64 0.53 -11.52 18.54
CA LEU A 64 1.16 -12.69 17.95
C LEU A 64 1.58 -12.41 16.52
N LYS A 65 0.67 -11.84 15.70
CA LYS A 65 0.95 -11.64 14.28
C LYS A 65 2.00 -10.60 13.99
N CYS A 66 2.22 -9.64 14.91
CA CYS A 66 3.25 -8.60 14.71
C CYS A 66 4.64 -9.21 14.52
N ASN A 67 4.86 -10.44 15.04
CA ASN A 67 6.12 -11.17 14.98
C ASN A 67 6.33 -12.01 13.73
N LEU A 68 5.29 -12.16 12.91
CA LEU A 68 5.41 -13.00 11.72
C LEU A 68 6.21 -12.30 10.62
N SER A 69 7.03 -13.08 9.89
CA SER A 69 7.85 -12.59 8.77
CA SER A 69 7.83 -12.55 8.77
C SER A 69 7.15 -12.85 7.44
N VAL A 70 6.07 -13.67 7.45
CA VAL A 70 5.30 -14.03 6.26
C VAL A 70 3.82 -13.92 6.61
N ILE A 71 3.04 -13.24 5.74
CA ILE A 71 1.58 -13.14 5.90
C ILE A 71 0.96 -13.66 4.62
N ASN A 72 0.04 -14.65 4.75
CA ASN A 72 -0.64 -15.21 3.59
C ASN A 72 -2.00 -14.56 3.44
N LEU A 73 -2.27 -13.95 2.29
CA LEU A 73 -3.60 -13.34 2.08
C LEU A 73 -4.59 -14.40 1.59
N ASP A 74 -5.88 -14.04 1.64
CA ASP A 74 -6.97 -14.91 1.21
C ASP A 74 -6.72 -15.37 -0.25
N PRO A 75 -6.89 -16.67 -0.59
CA PRO A 75 -6.61 -17.12 -1.97
C PRO A 75 -7.46 -16.47 -3.06
N GLU A 76 -8.54 -15.78 -2.69
CA GLU A 76 -9.40 -15.09 -3.67
C GLU A 76 -8.78 -13.76 -4.11
N ILE A 77 -7.75 -13.28 -3.41
CA ILE A 77 -7.11 -12.01 -3.75
C ILE A 77 -6.25 -12.16 -4.96
N ASN A 78 -6.45 -11.24 -5.92
CA ASN A 78 -5.71 -11.20 -7.18
C ASN A 78 -4.29 -10.61 -6.96
N PRO A 79 -3.20 -11.32 -7.35
CA PRO A 79 -1.83 -10.76 -7.13
C PRO A 79 -1.59 -9.45 -7.87
N GLU A 80 -2.11 -9.30 -9.10
CA GLU A 80 -1.92 -8.04 -9.82
C GLU A 80 -2.61 -6.88 -9.07
N GLY A 81 -3.84 -7.14 -8.57
CA GLY A 81 -4.59 -6.14 -7.78
C GLY A 81 -3.77 -5.75 -6.56
N PHE A 82 -3.17 -6.76 -5.88
CA PHE A 82 -2.35 -6.47 -4.70
C PHE A 82 -1.12 -5.65 -5.10
N CYS A 83 -0.45 -6.05 -6.20
CA CYS A 83 0.75 -5.35 -6.67
C CYS A 83 0.44 -3.86 -6.94
N ILE A 84 -0.70 -3.60 -7.58
CA ILE A 84 -1.11 -2.22 -7.90
C ILE A 84 -1.33 -1.42 -6.61
N LEU A 85 -1.95 -2.07 -5.61
CA LEU A 85 -2.20 -1.38 -4.34
C LEU A 85 -0.93 -1.16 -3.55
N LEU A 86 0.00 -2.14 -3.58
CA LEU A 86 1.29 -1.97 -2.90
C LEU A 86 2.06 -0.81 -3.51
N ASP A 87 2.02 -0.68 -4.86
CA ASP A 87 2.69 0.44 -5.53
C ASP A 87 2.04 1.75 -5.12
N PHE A 88 0.70 1.75 -5.02
CA PHE A 88 -0.02 2.95 -4.55
C PHE A 88 0.45 3.32 -3.12
N MET A 89 0.55 2.32 -2.24
CA MET A 89 0.98 2.63 -0.85
C MET A 89 2.30 3.41 -0.84
N TYR A 90 3.23 2.97 -1.69
CA TYR A 90 4.59 3.53 -1.70
C TYR A 90 4.77 4.71 -2.62
N THR A 91 3.73 5.11 -3.41
CA THR A 91 3.95 6.21 -4.36
C THR A 91 2.82 7.24 -4.46
N SER A 92 1.62 6.94 -3.91
N SER A 92 1.61 6.89 -3.95
CA SER A 92 0.39 7.77 -4.03
CA SER A 92 0.34 7.63 -4.01
C SER A 92 -0.23 7.66 -5.42
C SER A 92 -0.31 7.51 -5.39
N ARG A 93 0.35 6.81 -6.33
CA ARG A 93 -0.13 6.64 -7.70
C ARG A 93 -0.81 5.29 -7.86
N LEU A 94 -2.04 5.33 -8.39
CA LEU A 94 -2.85 4.11 -8.55
C LEU A 94 -3.03 3.85 -10.04
N ASN A 95 -2.53 2.69 -10.52
CA ASN A 95 -2.61 2.34 -11.94
C ASN A 95 -3.94 1.66 -12.20
N LEU A 96 -5.00 2.46 -12.24
CA LEU A 96 -6.36 1.96 -12.42
C LEU A 96 -6.69 1.90 -13.91
N ARG A 97 -7.09 0.72 -14.39
CA ARG A 97 -7.42 0.49 -15.81
C ARG A 97 -8.71 -0.29 -15.91
N GLU A 98 -9.39 -0.23 -17.06
CA GLU A 98 -10.63 -0.98 -17.25
C GLU A 98 -10.44 -2.47 -16.90
N GLY A 99 -9.30 -3.03 -17.32
CA GLY A 99 -8.99 -4.45 -17.16
C GLY A 99 -8.60 -4.87 -15.75
N ASN A 100 -8.35 -3.91 -14.85
CA ASN A 100 -7.95 -4.29 -13.48
C ASN A 100 -8.84 -3.70 -12.39
N ILE A 101 -9.75 -2.78 -12.76
CA ILE A 101 -10.53 -2.06 -11.73
C ILE A 101 -11.35 -2.96 -10.79
N MET A 102 -11.99 -4.00 -11.31
CA MET A 102 -12.74 -4.86 -10.39
C MET A 102 -11.81 -5.55 -9.38
N ALA A 103 -10.64 -6.05 -9.84
CA ALA A 103 -9.68 -6.72 -8.94
C ALA A 103 -9.10 -5.70 -7.94
N VAL A 104 -8.76 -4.48 -8.42
CA VAL A 104 -8.23 -3.45 -7.51
C VAL A 104 -9.27 -3.09 -6.43
N MET A 105 -10.54 -2.90 -6.84
CA MET A 105 -11.56 -2.55 -5.87
C MET A 105 -11.76 -3.66 -4.83
N ALA A 106 -11.84 -4.93 -5.28
CA ALA A 106 -12.05 -6.05 -4.36
C ALA A 106 -10.87 -6.15 -3.39
N THR A 107 -9.64 -5.92 -3.90
CA THR A 107 -8.45 -6.00 -3.06
C THR A 107 -8.45 -4.84 -2.05
N ALA A 108 -8.84 -3.61 -2.51
CA ALA A 108 -8.88 -2.46 -1.59
C ALA A 108 -9.93 -2.65 -0.50
N MET A 109 -11.08 -3.28 -0.83
CA MET A 109 -12.11 -3.58 0.17
C MET A 109 -11.54 -4.52 1.22
N TYR A 110 -10.85 -5.58 0.78
CA TYR A 110 -10.23 -6.55 1.68
C TYR A 110 -9.15 -5.90 2.55
N LEU A 111 -8.31 -5.05 1.94
CA LEU A 111 -7.24 -4.39 2.67
C LEU A 111 -7.73 -3.21 3.51
N GLN A 112 -9.01 -2.81 3.36
CA GLN A 112 -9.58 -1.68 4.10
C GLN A 112 -8.83 -0.39 3.75
N MET A 113 -8.84 -0.06 2.46
CA MET A 113 -8.22 1.16 1.93
C MET A 113 -9.38 1.97 1.34
N GLU A 114 -10.06 2.72 2.23
CA GLU A 114 -11.31 3.44 1.92
C GLU A 114 -11.23 4.43 0.75
N HIS A 115 -10.17 5.25 0.66
CA HIS A 115 -10.06 6.22 -0.44
C HIS A 115 -9.94 5.53 -1.80
N VAL A 116 -9.21 4.39 -1.85
CA VAL A 116 -9.11 3.64 -3.11
C VAL A 116 -10.49 3.06 -3.47
N VAL A 117 -11.19 2.45 -2.48
CA VAL A 117 -12.52 1.88 -2.77
C VAL A 117 -13.41 2.99 -3.35
N ASP A 118 -13.35 4.19 -2.75
CA ASP A 118 -14.12 5.34 -3.20
C ASP A 118 -13.86 5.72 -4.66
N THR A 119 -12.58 5.85 -5.08
CA THR A 119 -12.31 6.24 -6.49
C THR A 119 -12.73 5.11 -7.46
N CYS A 120 -12.57 3.83 -7.05
CA CYS A 120 -12.99 2.71 -7.88
C CYS A 120 -14.49 2.77 -8.10
N ARG A 121 -15.26 3.00 -7.02
N ARG A 121 -15.26 3.01 -7.01
CA ARG A 121 -16.72 3.08 -7.12
CA ARG A 121 -16.72 3.12 -7.04
C ARG A 121 -17.13 4.21 -8.08
C ARG A 121 -17.19 4.25 -7.97
N LYS A 122 -16.44 5.36 -8.02
CA LYS A 122 -16.73 6.51 -8.89
C LYS A 122 -16.44 6.21 -10.36
N PHE A 123 -15.31 5.51 -10.63
CA PHE A 123 -14.95 5.16 -12.01
C PHE A 123 -15.91 4.13 -12.59
N ILE A 124 -16.36 3.16 -11.75
CA ILE A 124 -17.33 2.15 -12.20
C ILE A 124 -18.68 2.79 -12.50
N LYS A 125 -19.15 3.69 -11.61
CA LYS A 125 -20.42 4.42 -11.77
C LYS A 125 -20.44 5.24 -13.06
N ALA A 126 -19.29 5.89 -13.39
CA ALA A 126 -19.15 6.70 -14.61
C ALA A 126 -19.32 5.89 -15.91
N SER A 127 -18.96 4.57 -15.89
CA SER A 127 -19.06 3.67 -17.05
C SER A 127 -20.46 3.06 -17.22
N GLU A 128 -21.35 3.22 -16.22
CA GLU A 128 -22.72 2.69 -16.30
C GLU A 128 -23.76 3.79 -16.43
CA ALA B 1 9.94 25.15 -0.07
C ALA B 1 9.39 25.08 1.35
N TRP B 2 9.73 26.08 2.16
CA TRP B 2 9.29 26.19 3.55
C TRP B 2 8.13 27.16 3.59
N VAL B 3 7.13 26.86 4.42
CA VAL B 3 5.94 27.73 4.55
C VAL B 3 5.48 27.85 5.99
N ILE B 4 4.51 28.76 6.23
CA ILE B 4 3.85 28.84 7.54
C ILE B 4 2.65 27.87 7.40
N PRO B 5 2.61 26.74 8.14
CA PRO B 5 1.50 25.78 7.95
C PRO B 5 0.15 26.28 8.44
N ALA B 6 -0.95 25.85 7.77
#